data_3MWL
#
_entry.id   3MWL
#
_cell.length_a   92.178
_cell.length_b   92.178
_cell.length_c   108.975
_cell.angle_alpha   90.00
_cell.angle_beta   90.00
_cell.angle_gamma   90.00
#
_symmetry.space_group_name_H-M   'P 41 21 2'
#
loop_
_entity.id
_entity.type
_entity.pdbx_description
1 polymer 'Heat resistant RNA dependent ATPase'
2 non-polymer 'SULFATE ION'
3 non-polymer 6-azanyl-9-[(2R,3R,4S,5R)-3,4-dihydroxy-5-(hydroxymethyl)oxolan-2-yl]-7H-purin-8-one
4 water water
#
_entity_poly.entity_id   1
_entity_poly.type   'polypeptide(L)'
_entity_poly.pdbx_seq_one_letter_code
;MEFKDFPLKPEILEALHGRGLTTPTPIEAAALPLALEGKDLIGQARTGTGKTLAFALPIAERLAPSQERGRKPRALVLTP
TRELALQVASELTAVAPHLKVVAVYGGTGYGKQKEALLRGADAVVATPGRALDYLRQGVLDLSRVEVAVLDEADEMLSMG
FEEEVEALLSATPPSRQTLLFSATLPSWAKRLAERYMKNPVLINVIK
;
_entity_poly.pdbx_strand_id   A,B
#
loop_
_chem_comp.id
_chem_comp.type
_chem_comp.name
_chem_comp.formula
8OX non-polymer 6-azanyl-9-[(2R,3R,4S,5R)-3,4-dihydroxy-5-(hydroxymethyl)oxolan-2-yl]-7H-purin-8-one 'C10 H13 N5 O5'
SO4 non-polymer 'SULFATE ION' 'O4 S -2'
#
# COMPACT_ATOMS: atom_id res chain seq x y z
N MET A 1 2.28 -5.99 10.47
CA MET A 1 3.16 -7.08 10.08
C MET A 1 4.62 -6.74 10.35
N GLU A 2 5.39 -7.76 10.74
CA GLU A 2 6.85 -7.62 10.88
C GLU A 2 7.49 -8.07 9.58
N PHE A 3 8.77 -7.77 9.39
CA PHE A 3 9.45 -8.19 8.18
C PHE A 3 9.35 -9.71 7.99
N LYS A 4 9.40 -10.46 9.08
CA LYS A 4 9.32 -11.92 9.02
C LYS A 4 7.98 -12.41 8.49
N ASP A 5 6.98 -11.54 8.47
CA ASP A 5 5.65 -11.90 7.99
C ASP A 5 5.54 -11.77 6.46
N PHE A 6 6.60 -11.29 5.82
CA PHE A 6 6.62 -11.18 4.37
C PHE A 6 7.45 -12.34 3.84
N PRO A 7 7.23 -12.72 2.57
CA PRO A 7 7.98 -13.81 1.94
C PRO A 7 9.40 -13.37 1.53
N LEU A 8 10.28 -13.31 2.51
CA LEU A 8 11.64 -12.87 2.29
C LEU A 8 12.61 -14.03 2.54
N LYS A 9 13.73 -14.03 1.83
CA LYS A 9 14.70 -15.11 2.02
C LYS A 9 15.21 -15.08 3.46
N PRO A 10 15.43 -16.26 4.06
CA PRO A 10 15.86 -16.28 5.45
C PRO A 10 17.13 -15.47 5.70
N GLU A 11 18.04 -15.46 4.73
CA GLU A 11 19.30 -14.74 4.91
C GLU A 11 19.09 -13.23 4.84
N ILE A 12 18.04 -12.80 4.14
CA ILE A 12 17.70 -11.39 4.13
C ILE A 12 17.08 -11.00 5.47
N LEU A 13 16.19 -11.85 5.99
CA LEU A 13 15.61 -11.62 7.30
CA LEU A 13 15.60 -11.62 7.30
C LEU A 13 16.70 -11.56 8.36
N GLU A 14 17.69 -12.46 8.23
CA GLU A 14 18.83 -12.49 9.14
CA GLU A 14 18.82 -12.48 9.14
C GLU A 14 19.58 -11.16 9.12
N ALA A 15 19.79 -10.62 7.93
CA ALA A 15 20.50 -9.35 7.77
C ALA A 15 19.73 -8.24 8.47
N LEU A 16 18.40 -8.24 8.29
CA LEU A 16 17.58 -7.21 8.94
C LEU A 16 17.66 -7.31 10.47
N HIS A 17 17.45 -8.52 10.99
CA HIS A 17 17.45 -8.67 12.44
C HIS A 17 18.84 -8.34 13.00
N GLY A 18 19.87 -8.58 12.20
CA GLY A 18 21.23 -8.22 12.57
C GLY A 18 21.44 -6.71 12.66
N ARG A 19 20.68 -5.95 11.88
CA ARG A 19 20.77 -4.50 11.92
C ARG A 19 19.80 -3.93 12.95
N GLY A 20 19.07 -4.81 13.64
CA GLY A 20 18.09 -4.40 14.63
C GLY A 20 16.76 -3.91 14.05
N LEU A 21 16.46 -4.31 12.81
CA LEU A 21 15.24 -3.84 12.14
C LEU A 21 14.26 -4.99 11.99
N THR A 22 13.10 -4.88 12.65
CA THR A 22 12.11 -5.94 12.64
C THR A 22 10.78 -5.53 12.02
N THR A 23 10.51 -4.22 12.00
CA THR A 23 9.19 -3.72 11.65
C THR A 23 9.24 -2.70 10.52
N PRO A 24 8.47 -2.96 9.45
CA PRO A 24 8.43 -1.93 8.40
C PRO A 24 7.64 -0.71 8.87
N THR A 25 8.01 0.45 8.33
CA THR A 25 7.21 1.66 8.47
C THR A 25 5.96 1.50 7.59
N PRO A 26 4.98 2.40 7.76
CA PRO A 26 3.75 2.21 6.98
C PRO A 26 3.97 2.21 5.47
N ILE A 27 4.79 3.12 4.96
CA ILE A 27 5.08 3.10 3.53
C ILE A 27 5.70 1.77 3.08
N GLU A 28 6.64 1.25 3.88
CA GLU A 28 7.29 -0.02 3.54
C GLU A 28 6.32 -1.19 3.59
N ALA A 29 5.49 -1.22 4.61
CA ALA A 29 4.51 -2.30 4.78
C ALA A 29 3.54 -2.38 3.61
N ALA A 30 3.04 -1.23 3.20
CA ALA A 30 2.05 -1.15 2.11
C ALA A 30 2.70 -1.39 0.75
N ALA A 31 3.95 -0.97 0.60
CA ALA A 31 4.65 -1.11 -0.67
C ALA A 31 5.17 -2.52 -0.90
N LEU A 32 5.55 -3.23 0.16
CA LEU A 32 6.27 -4.49 -0.04
C LEU A 32 5.55 -5.55 -0.89
N PRO A 33 4.25 -5.79 -0.64
CA PRO A 33 3.59 -6.87 -1.37
C PRO A 33 3.65 -6.65 -2.88
N LEU A 34 3.45 -5.41 -3.32
CA LEU A 34 3.48 -5.11 -4.75
C LEU A 34 4.90 -5.01 -5.29
N ALA A 35 5.80 -4.39 -4.53
CA ALA A 35 7.18 -4.25 -4.97
C ALA A 35 7.90 -5.60 -5.10
N LEU A 36 7.63 -6.51 -4.17
CA LEU A 36 8.22 -7.84 -4.22
C LEU A 36 7.72 -8.66 -5.42
N GLU A 37 6.53 -8.35 -5.92
CA GLU A 37 6.06 -9.03 -7.12
C GLU A 37 6.40 -8.28 -8.41
N GLY A 38 7.27 -7.28 -8.29
CA GLY A 38 7.84 -6.63 -9.45
C GLY A 38 7.02 -5.49 -10.02
N LYS A 39 5.99 -5.05 -9.31
CA LYS A 39 5.12 -3.97 -9.80
C LYS A 39 5.71 -2.59 -9.57
N ASP A 40 5.29 -1.65 -10.42
CA ASP A 40 5.69 -0.24 -10.25
C ASP A 40 4.85 0.45 -9.18
N LEU A 41 5.48 1.37 -8.43
CA LEU A 41 4.84 2.06 -7.32
CA LEU A 41 4.74 2.12 -7.44
C LEU A 41 5.35 3.49 -7.19
N ILE A 42 4.48 4.39 -6.76
CA ILE A 42 4.88 5.71 -6.34
C ILE A 42 4.63 5.76 -4.85
N GLY A 43 5.69 5.98 -4.08
CA GLY A 43 5.57 6.03 -2.64
C GLY A 43 5.68 7.47 -2.18
N GLN A 44 4.57 8.01 -1.67
CA GLN A 44 4.57 9.35 -1.15
C GLN A 44 4.73 9.33 0.36
N ALA A 45 5.96 9.62 0.80
CA ALA A 45 6.31 9.63 2.22
C ALA A 45 7.31 10.76 2.44
N ARG A 46 7.52 11.14 3.69
CA ARG A 46 8.39 12.28 3.97
C ARG A 46 9.83 11.99 3.53
N THR A 47 10.54 13.06 3.19
CA THR A 47 11.97 12.94 2.90
C THR A 47 12.74 12.46 4.13
N GLY A 48 13.87 11.82 3.89
CA GLY A 48 14.74 11.36 4.96
C GLY A 48 14.52 9.88 5.20
N THR A 49 14.78 9.43 6.43
CA THR A 49 14.70 8.01 6.72
C THR A 49 13.27 7.53 6.68
N GLY A 50 13.10 6.21 6.58
CA GLY A 50 11.79 5.61 6.75
C GLY A 50 11.24 4.89 5.54
N LYS A 51 11.96 4.91 4.43
CA LYS A 51 11.44 4.26 3.21
C LYS A 51 12.42 3.33 2.50
N THR A 52 13.67 3.33 2.90
CA THR A 52 14.69 2.58 2.16
C THR A 52 14.33 1.13 1.91
N LEU A 53 13.77 0.48 2.92
CA LEU A 53 13.50 -0.95 2.78
C LEU A 53 12.38 -1.25 1.76
N ALA A 54 11.59 -0.24 1.43
CA ALA A 54 10.54 -0.43 0.43
C ALA A 54 11.14 -0.68 -0.93
N PHE A 55 12.38 -0.26 -1.14
CA PHE A 55 13.04 -0.62 -2.39
C PHE A 55 14.25 -1.54 -2.19
N ALA A 56 14.91 -1.42 -1.04
CA ALA A 56 16.12 -2.21 -0.80
C ALA A 56 15.78 -3.71 -0.69
N LEU A 57 14.66 -4.03 -0.04
CA LEU A 57 14.33 -5.43 0.14
C LEU A 57 13.90 -6.07 -1.20
N PRO A 58 13.09 -5.35 -2.01
CA PRO A 58 12.80 -5.90 -3.34
C PRO A 58 14.05 -6.12 -4.21
N ILE A 59 15.01 -5.20 -4.14
CA ILE A 59 16.25 -5.38 -4.88
C ILE A 59 16.98 -6.62 -4.34
N ALA A 60 17.10 -6.71 -3.03
CA ALA A 60 17.75 -7.88 -2.42
C ALA A 60 17.10 -9.21 -2.79
N GLU A 61 15.77 -9.24 -2.80
CA GLU A 61 15.00 -10.45 -3.12
C GLU A 61 15.08 -10.82 -4.59
N ARG A 62 15.06 -9.83 -5.45
CA ARG A 62 14.92 -10.08 -6.89
C ARG A 62 16.22 -10.52 -7.56
N LEU A 63 17.35 -9.99 -7.06
CA LEU A 63 18.65 -10.19 -7.69
C LEU A 63 19.42 -11.33 -7.04
N ALA A 64 19.67 -12.37 -7.83
CA ALA A 64 20.51 -13.47 -7.36
C ALA A 64 21.98 -13.06 -7.37
N PRO A 65 22.81 -13.81 -6.62
CA PRO A 65 24.24 -13.54 -6.62
C PRO A 65 24.83 -13.71 -8.03
N SER A 66 25.87 -12.93 -8.32
CA SER A 66 26.65 -13.12 -9.54
C SER A 66 28.12 -12.84 -9.28
N GLN A 67 28.99 -13.59 -9.96
CA GLN A 67 30.41 -13.45 -9.74
C GLN A 67 31.13 -12.96 -10.98
N GLU A 68 30.36 -12.69 -12.05
CA GLU A 68 30.94 -12.26 -13.31
C GLU A 68 31.77 -10.98 -13.17
N ARG A 69 33.05 -11.07 -13.50
CA ARG A 69 33.92 -9.89 -13.46
C ARG A 69 33.44 -8.89 -14.51
N GLY A 70 33.34 -7.62 -14.11
CA GLY A 70 32.95 -6.57 -15.03
C GLY A 70 31.46 -6.51 -15.30
N ARG A 71 30.69 -7.30 -14.55
CA ARG A 71 29.25 -7.34 -14.77
C ARG A 71 28.63 -5.97 -14.60
N LYS A 72 27.57 -5.73 -15.37
CA LYS A 72 26.82 -4.49 -15.31
C LYS A 72 25.70 -4.57 -14.27
N PRO A 73 25.35 -3.42 -13.67
CA PRO A 73 24.37 -3.39 -12.57
C PRO A 73 22.97 -3.80 -13.02
N ARG A 74 22.28 -4.50 -12.14
CA ARG A 74 20.91 -4.90 -12.39
C ARG A 74 19.91 -4.06 -11.59
N ALA A 75 20.42 -3.18 -10.74
CA ALA A 75 19.54 -2.20 -10.09
C ALA A 75 20.23 -0.85 -10.11
N LEU A 76 19.45 0.20 -10.34
CA LEU A 76 19.95 1.59 -10.28
C LEU A 76 19.08 2.40 -9.33
N VAL A 77 19.69 3.01 -8.33
CA VAL A 77 19.00 3.88 -7.40
C VAL A 77 19.57 5.27 -7.57
N LEU A 78 18.73 6.23 -7.93
CA LEU A 78 19.18 7.62 -7.99
C LEU A 78 18.77 8.38 -6.74
N THR A 79 19.68 9.21 -6.23
CA THR A 79 19.44 10.06 -5.07
C THR A 79 19.82 11.51 -5.46
N PRO A 80 19.17 12.51 -4.83
CA PRO A 80 19.45 13.89 -5.24
C PRO A 80 20.79 14.40 -4.74
N THR A 81 21.29 13.86 -3.62
CA THR A 81 22.52 14.39 -3.05
C THR A 81 23.60 13.33 -2.87
N ARG A 82 24.83 13.82 -2.77
CA ARG A 82 25.99 12.98 -2.55
C ARG A 82 25.89 12.32 -1.19
N GLU A 83 25.41 13.06 -0.20
CA GLU A 83 25.29 12.52 1.15
C GLU A 83 24.33 11.33 1.12
N LEU A 84 23.22 11.49 0.40
CA LEU A 84 22.23 10.42 0.34
CA LEU A 84 22.22 10.42 0.31
C LEU A 84 22.72 9.23 -0.48
N ALA A 85 23.52 9.48 -1.51
CA ALA A 85 24.06 8.38 -2.30
C ALA A 85 24.87 7.47 -1.38
N LEU A 86 25.71 8.06 -0.54
CA LEU A 86 26.52 7.29 0.40
C LEU A 86 25.63 6.54 1.40
N GLN A 87 24.65 7.23 1.96
CA GLN A 87 23.80 6.68 3.00
C GLN A 87 22.98 5.51 2.48
N VAL A 88 22.36 5.71 1.32
CA VAL A 88 21.50 4.68 0.75
C VAL A 88 22.33 3.50 0.27
N ALA A 89 23.51 3.76 -0.29
CA ALA A 89 24.41 2.66 -0.63
C ALA A 89 24.73 1.79 0.59
N SER A 90 25.00 2.43 1.74
CA SER A 90 25.31 1.70 2.98
C SER A 90 24.12 0.87 3.47
N GLU A 91 22.95 1.47 3.42
CA GLU A 91 21.73 0.80 3.85
C GLU A 91 21.40 -0.40 2.97
N LEU A 92 21.49 -0.21 1.65
CA LEU A 92 21.26 -1.30 0.72
C LEU A 92 22.31 -2.42 0.89
N THR A 93 23.58 -2.03 1.01
CA THR A 93 24.66 -2.98 1.26
C THR A 93 24.31 -3.93 2.41
N ALA A 94 23.76 -3.36 3.48
CA ALA A 94 23.56 -4.15 4.68
C ALA A 94 22.41 -5.15 4.55
N VAL A 95 21.40 -4.83 3.74
CA VAL A 95 20.29 -5.76 3.57
C VAL A 95 20.40 -6.68 2.35
N ALA A 96 21.38 -6.41 1.49
CA ALA A 96 21.67 -7.29 0.35
C ALA A 96 23.14 -7.73 0.39
N PRO A 97 23.49 -8.51 1.41
CA PRO A 97 24.89 -8.89 1.62
C PRO A 97 25.43 -9.74 0.46
N HIS A 98 24.55 -10.32 -0.33
CA HIS A 98 24.97 -11.16 -1.46
C HIS A 98 25.25 -10.34 -2.72
N LEU A 99 24.97 -9.04 -2.67
CA LEU A 99 25.16 -8.17 -3.83
C LEU A 99 26.32 -7.20 -3.65
N LYS A 100 26.97 -6.83 -4.75
CA LYS A 100 27.96 -5.77 -4.73
C LYS A 100 27.32 -4.42 -5.05
N VAL A 101 27.30 -3.54 -4.07
CA VAL A 101 26.70 -2.22 -4.21
C VAL A 101 27.80 -1.19 -4.41
N VAL A 102 27.64 -0.32 -5.41
CA VAL A 102 28.66 0.69 -5.71
C VAL A 102 28.01 2.07 -5.73
N ALA A 103 28.51 2.95 -4.85
CA ALA A 103 28.05 4.34 -4.76
C ALA A 103 28.79 5.21 -5.77
N VAL A 104 28.04 6.06 -6.45
CA VAL A 104 28.56 6.92 -7.51
C VAL A 104 28.07 8.34 -7.25
N TYR A 105 28.98 9.31 -7.19
CA TYR A 105 28.63 10.67 -6.80
C TYR A 105 29.78 11.65 -7.02
N GLY A 106 29.45 12.92 -7.25
CA GLY A 106 30.48 13.95 -7.43
C GLY A 106 31.06 14.43 -6.12
N GLY A 107 31.91 15.45 -6.15
CA GLY A 107 32.50 15.97 -4.93
C GLY A 107 33.79 15.26 -4.57
N THR A 108 34.25 14.42 -5.50
CA THR A 108 35.54 13.74 -5.38
C THR A 108 35.98 13.33 -6.79
N GLY A 109 37.14 12.72 -6.91
CA GLY A 109 37.66 12.36 -8.22
C GLY A 109 36.87 11.25 -8.88
N TYR A 110 37.28 10.89 -10.10
CA TYR A 110 36.57 9.88 -10.89
C TYR A 110 37.20 8.49 -10.76
N GLY A 111 38.44 8.43 -10.31
CA GLY A 111 39.23 7.22 -10.32
C GLY A 111 38.65 6.00 -9.64
N LYS A 112 38.36 6.13 -8.34
CA LYS A 112 37.92 5.00 -7.54
C LYS A 112 36.57 4.44 -7.98
N GLN A 113 35.61 5.33 -8.26
CA GLN A 113 34.30 4.89 -8.72
C GLN A 113 34.40 4.21 -10.08
N LYS A 114 35.21 4.76 -10.97
CA LYS A 114 35.39 4.13 -12.28
C LYS A 114 35.96 2.73 -12.09
N GLU A 115 36.99 2.61 -11.26
CA GLU A 115 37.59 1.31 -10.96
C GLU A 115 36.54 0.30 -10.46
N ALA A 116 35.71 0.74 -9.52
CA ALA A 116 34.70 -0.13 -8.94
C ALA A 116 33.71 -0.61 -9.99
N LEU A 117 33.23 0.32 -10.83
CA LEU A 117 32.28 -0.05 -11.88
C LEU A 117 32.89 -1.05 -12.88
N LEU A 118 34.16 -0.87 -13.22
CA LEU A 118 34.82 -1.74 -14.17
C LEU A 118 35.02 -3.14 -13.59
N ARG A 119 35.28 -3.23 -12.29
CA ARG A 119 35.40 -4.54 -11.64
C ARG A 119 34.07 -5.28 -11.66
N GLY A 120 32.98 -4.52 -11.67
CA GLY A 120 31.63 -5.07 -11.72
C GLY A 120 30.75 -4.58 -10.59
N ALA A 121 29.45 -4.58 -10.81
CA ALA A 121 28.52 -4.12 -9.79
C ALA A 121 27.17 -4.79 -10.00
N ASP A 122 26.49 -5.04 -8.89
CA ASP A 122 25.13 -5.55 -8.95
C ASP A 122 24.08 -4.45 -8.79
N ALA A 123 24.38 -3.42 -8.00
CA ALA A 123 23.50 -2.28 -7.79
C ALA A 123 24.35 -1.03 -7.73
N VAL A 124 23.87 0.04 -8.35
CA VAL A 124 24.55 1.32 -8.30
C VAL A 124 23.62 2.32 -7.64
N VAL A 125 24.14 3.07 -6.68
CA VAL A 125 23.39 4.13 -6.02
C VAL A 125 24.14 5.39 -6.40
N ALA A 126 23.46 6.32 -7.09
CA ALA A 126 24.13 7.44 -7.74
C ALA A 126 23.37 8.77 -7.72
N THR A 127 24.12 9.86 -7.75
CA THR A 127 23.56 11.16 -8.05
C THR A 127 23.46 11.27 -9.55
N PRO A 128 22.53 12.08 -10.07
CA PRO A 128 22.28 12.00 -11.51
C PRO A 128 23.36 12.57 -12.43
N GLY A 129 24.08 13.59 -11.98
CA GLY A 129 25.11 14.19 -12.82
C GLY A 129 26.26 13.22 -13.02
N ARG A 130 26.76 12.69 -11.91
CA ARG A 130 27.87 11.73 -12.00
C ARG A 130 27.47 10.45 -12.75
N ALA A 131 26.25 9.95 -12.50
CA ALA A 131 25.80 8.75 -13.21
C ALA A 131 25.80 9.01 -14.72
N LEU A 132 25.25 10.15 -15.12
CA LEU A 132 25.17 10.44 -16.55
C LEU A 132 26.56 10.62 -17.17
N ASP A 133 27.47 11.23 -16.42
CA ASP A 133 28.85 11.42 -16.86
C ASP A 133 29.43 10.04 -17.16
N TYR A 134 29.29 9.12 -16.21
CA TYR A 134 29.82 7.77 -16.42
C TYR A 134 29.12 7.05 -17.56
N LEU A 135 27.82 7.31 -17.75
CA LEU A 135 27.12 6.72 -18.88
C LEU A 135 27.77 7.20 -20.18
N ARG A 136 27.94 8.52 -20.31
CA ARG A 136 28.54 9.09 -21.50
C ARG A 136 29.94 8.53 -21.75
N GLN A 137 30.70 8.32 -20.68
CA GLN A 137 32.04 7.73 -20.80
C GLN A 137 32.03 6.26 -21.22
N GLY A 138 30.88 5.59 -21.06
CA GLY A 138 30.77 4.17 -21.35
C GLY A 138 31.25 3.30 -20.20
N VAL A 139 31.48 3.93 -19.05
CA VAL A 139 31.90 3.23 -17.84
C VAL A 139 30.68 2.62 -17.13
N LEU A 140 29.58 3.38 -17.09
CA LEU A 140 28.34 2.87 -16.50
C LEU A 140 27.45 2.36 -17.62
N ASP A 141 27.08 1.10 -17.53
CA ASP A 141 26.26 0.43 -18.51
C ASP A 141 24.93 0.11 -17.84
N LEU A 142 23.85 0.63 -18.42
CA LEU A 142 22.51 0.48 -17.83
C LEU A 142 21.61 -0.52 -18.56
N SER A 143 22.19 -1.30 -19.47
CA SER A 143 21.40 -2.17 -20.35
C SER A 143 20.86 -3.42 -19.67
N ARG A 144 21.28 -3.66 -18.44
CA ARG A 144 20.85 -4.83 -17.69
C ARG A 144 20.02 -4.45 -16.49
N VAL A 145 19.67 -3.17 -16.38
CA VAL A 145 18.88 -2.71 -15.23
C VAL A 145 17.51 -3.37 -15.21
N GLU A 146 17.18 -3.99 -14.08
CA GLU A 146 15.89 -4.65 -13.89
C GLU A 146 15.01 -3.86 -12.94
N VAL A 147 15.65 -3.06 -12.08
CA VAL A 147 14.93 -2.22 -11.13
C VAL A 147 15.56 -0.84 -11.11
N ALA A 148 14.76 0.18 -11.36
CA ALA A 148 15.17 1.56 -11.19
C ALA A 148 14.38 2.24 -10.08
N VAL A 149 15.09 3.02 -9.26
CA VAL A 149 14.49 3.69 -8.12
C VAL A 149 14.87 5.16 -8.15
N LEU A 150 13.88 6.03 -8.00
CA LEU A 150 14.14 7.44 -7.75
C LEU A 150 13.80 7.75 -6.29
N ASP A 151 14.83 7.96 -5.49
CA ASP A 151 14.63 8.25 -4.08
C ASP A 151 14.69 9.75 -3.82
N GLU A 152 13.52 10.33 -3.57
CA GLU A 152 13.34 11.74 -3.26
C GLU A 152 13.37 12.58 -4.52
N ALA A 153 12.38 12.30 -5.36
CA ALA A 153 12.29 12.91 -6.66
C ALA A 153 12.05 14.43 -6.57
N ASP A 154 11.39 14.91 -5.53
CA ASP A 154 11.13 16.34 -5.35
CA ASP A 154 11.12 16.34 -5.48
C ASP A 154 12.40 17.16 -5.29
N GLU A 155 13.39 16.63 -4.56
CA GLU A 155 14.66 17.33 -4.46
C GLU A 155 15.48 17.24 -5.74
N MET A 156 15.33 16.15 -6.49
CA MET A 156 15.97 16.09 -7.79
CA MET A 156 15.92 16.04 -7.82
C MET A 156 15.46 17.25 -8.63
N LEU A 157 14.15 17.47 -8.57
CA LEU A 157 13.52 18.55 -9.29
C LEU A 157 14.05 19.90 -8.80
N SER A 158 14.10 20.09 -7.48
CA SER A 158 14.47 21.42 -6.99
C SER A 158 15.95 21.74 -7.25
N MET A 159 16.77 20.70 -7.36
CA MET A 159 18.19 20.89 -7.69
C MET A 159 18.41 21.00 -9.19
N GLY A 160 17.35 20.76 -9.96
CA GLY A 160 17.42 20.96 -11.40
C GLY A 160 18.02 19.79 -12.16
N PHE A 161 17.80 18.58 -11.66
CA PHE A 161 18.32 17.37 -12.32
C PHE A 161 17.32 16.69 -13.27
N GLU A 162 16.22 17.36 -13.63
CA GLU A 162 15.20 16.67 -14.42
C GLU A 162 15.73 16.07 -15.71
N GLU A 163 16.52 16.83 -16.46
CA GLU A 163 17.01 16.34 -17.73
C GLU A 163 17.92 15.10 -17.55
N GLU A 164 18.80 15.16 -16.54
CA GLU A 164 19.69 14.01 -16.26
C GLU A 164 18.91 12.77 -15.84
N VAL A 165 17.92 12.95 -14.97
CA VAL A 165 17.15 11.82 -14.49
C VAL A 165 16.40 11.17 -15.66
N GLU A 166 15.82 12.00 -16.52
CA GLU A 166 15.11 11.44 -17.68
C GLU A 166 16.05 10.72 -18.65
N ALA A 167 17.24 11.28 -18.87
CA ALA A 167 18.21 10.62 -19.76
C ALA A 167 18.63 9.26 -19.20
N LEU A 168 18.84 9.21 -17.90
CA LEU A 168 19.22 7.95 -17.26
C LEU A 168 18.10 6.92 -17.35
N LEU A 169 16.87 7.32 -17.02
CA LEU A 169 15.73 6.42 -17.13
C LEU A 169 15.56 5.91 -18.57
N SER A 170 15.74 6.80 -19.54
CA SER A 170 15.64 6.44 -20.94
C SER A 170 16.68 5.43 -21.41
N ALA A 171 17.84 5.44 -20.76
CA ALA A 171 18.94 4.53 -21.05
C ALA A 171 18.73 3.10 -20.49
N THR A 172 17.74 2.92 -19.63
CA THR A 172 17.45 1.60 -19.08
C THR A 172 16.37 0.89 -19.90
N PRO A 173 16.27 -0.43 -19.74
CA PRO A 173 15.24 -1.21 -20.44
C PRO A 173 13.84 -0.88 -19.89
N PRO A 174 12.86 -0.56 -20.76
CA PRO A 174 11.51 -0.30 -20.25
C PRO A 174 10.86 -1.51 -19.59
N SER A 175 11.41 -2.71 -19.83
CA SER A 175 10.86 -3.91 -19.19
C SER A 175 11.08 -3.87 -17.68
N ARG A 176 11.97 -2.98 -17.24
CA ARG A 176 12.32 -2.89 -15.82
C ARG A 176 11.14 -2.55 -14.91
N GLN A 177 11.36 -2.77 -13.61
CA GLN A 177 10.46 -2.30 -12.57
C GLN A 177 10.94 -0.91 -12.14
N THR A 178 10.02 0.01 -11.90
CA THR A 178 10.35 1.37 -11.47
C THR A 178 9.61 1.74 -10.18
N LEU A 179 10.37 2.18 -9.20
CA LEU A 179 9.82 2.67 -7.94
C LEU A 179 10.22 4.13 -7.77
N LEU A 180 9.23 4.99 -7.51
CA LEU A 180 9.50 6.43 -7.40
C LEU A 180 9.03 6.90 -6.04
N PHE A 181 9.90 7.58 -5.31
CA PHE A 181 9.54 8.10 -3.98
C PHE A 181 9.63 9.60 -3.96
N SER A 182 8.57 10.21 -3.47
CA SER A 182 8.42 11.68 -3.52
CA SER A 182 8.56 11.66 -3.36
C SER A 182 7.50 12.13 -2.38
N ALA A 183 7.87 13.17 -1.65
CA ALA A 183 6.98 13.69 -0.62
C ALA A 183 5.75 14.44 -1.17
N THR A 184 5.87 15.15 -2.29
CA THR A 184 4.77 16.06 -2.73
C THR A 184 4.06 15.82 -4.07
N LEU A 185 4.63 14.98 -4.90
CA LEU A 185 4.07 14.64 -6.22
C LEU A 185 3.75 15.84 -7.13
N PRO A 186 4.77 16.64 -7.45
CA PRO A 186 4.67 17.78 -8.37
C PRO A 186 4.42 17.32 -9.81
N SER A 187 4.07 18.25 -10.68
CA SER A 187 3.78 17.93 -12.07
C SER A 187 4.87 17.06 -12.70
N TRP A 188 6.13 17.44 -12.49
CA TRP A 188 7.22 16.68 -13.12
C TRP A 188 7.19 15.20 -12.75
N ALA A 189 6.93 14.90 -11.48
CA ALA A 189 6.86 13.51 -11.05
C ALA A 189 5.70 12.79 -11.72
N LYS A 190 4.57 13.48 -11.87
CA LYS A 190 3.43 12.90 -12.56
C LYS A 190 3.76 12.58 -14.02
N ARG A 191 4.51 13.48 -14.68
CA ARG A 191 4.84 13.24 -16.08
C ARG A 191 5.92 12.15 -16.20
N LEU A 192 6.82 12.08 -15.22
CA LEU A 192 7.77 10.97 -15.15
C LEU A 192 7.03 9.65 -15.06
N ALA A 193 6.08 9.57 -14.14
CA ALA A 193 5.29 8.36 -13.98
C ALA A 193 4.57 8.00 -15.28
N GLU A 194 4.04 9.00 -15.98
CA GLU A 194 3.28 8.72 -17.20
C GLU A 194 4.20 8.18 -18.28
N ARG A 195 5.41 8.74 -18.37
CA ARG A 195 6.36 8.35 -19.41
C ARG A 195 7.16 7.06 -19.12
N TYR A 196 7.48 6.83 -17.85
CA TYR A 196 8.50 5.85 -17.45
C TYR A 196 8.00 4.77 -16.52
N MET A 197 6.72 4.81 -16.16
CA MET A 197 6.19 3.81 -15.26
C MET A 197 4.99 3.09 -15.85
N LYS A 198 4.72 1.90 -15.33
CA LYS A 198 3.70 1.02 -15.87
C LYS A 198 2.56 0.84 -14.86
N ASN A 199 1.47 1.57 -15.07
CA ASN A 199 0.30 1.45 -14.20
C ASN A 199 0.65 1.48 -12.72
N PRO A 200 1.42 2.49 -12.29
CA PRO A 200 1.91 2.38 -10.91
C PRO A 200 0.81 2.60 -9.88
N VAL A 201 0.90 1.88 -8.77
CA VAL A 201 0.03 2.13 -7.65
C VAL A 201 0.66 3.25 -6.85
N LEU A 202 -0.17 4.20 -6.43
CA LEU A 202 0.26 5.27 -5.56
C LEU A 202 -0.09 4.97 -4.10
N ILE A 203 0.90 5.09 -3.23
CA ILE A 203 0.69 4.91 -1.78
C ILE A 203 1.18 6.15 -1.07
N ASN A 204 0.25 6.87 -0.45
CA ASN A 204 0.55 8.14 0.20
C ASN A 204 0.31 8.03 1.69
N VAL A 205 1.38 8.13 2.46
CA VAL A 205 1.30 8.04 3.91
C VAL A 205 1.51 9.39 4.60
N ILE A 206 1.54 10.46 3.84
CA ILE A 206 1.78 11.77 4.42
C ILE A 206 0.70 12.06 5.44
N LYS A 207 1.12 12.37 6.67
CA LYS A 207 0.20 12.67 7.76
C LYS A 207 -0.09 14.17 7.81
N MET B 1 2.24 -11.54 -3.55
CA MET B 1 1.83 -12.37 -2.43
C MET B 1 0.45 -12.95 -2.65
N GLU B 2 0.29 -14.20 -2.25
CA GLU B 2 -1.04 -14.81 -2.22
C GLU B 2 -1.63 -14.50 -0.86
N PHE B 3 -2.91 -14.79 -0.69
CA PHE B 3 -3.53 -14.60 0.61
C PHE B 3 -2.84 -15.44 1.70
N LYS B 4 -2.35 -16.62 1.32
CA LYS B 4 -1.63 -17.53 2.23
C LYS B 4 -0.39 -16.86 2.81
N ASP B 5 0.14 -15.88 2.09
CA ASP B 5 1.37 -15.24 2.51
C ASP B 5 1.13 -14.14 3.55
N PHE B 6 -0.14 -13.88 3.84
CA PHE B 6 -0.47 -12.93 4.90
C PHE B 6 -0.75 -13.67 6.20
N PRO B 7 -0.51 -13.01 7.35
CA PRO B 7 -0.78 -13.63 8.65
C PRO B 7 -2.27 -13.68 8.96
N LEU B 8 -2.95 -14.70 8.44
CA LEU B 8 -4.38 -14.86 8.63
C LEU B 8 -4.68 -16.16 9.34
N LYS B 9 -5.71 -16.18 10.18
CA LYS B 9 -6.11 -17.40 10.88
C LYS B 9 -6.28 -18.53 9.88
N PRO B 10 -5.85 -19.75 10.27
CA PRO B 10 -6.00 -20.96 9.44
C PRO B 10 -7.40 -21.11 8.86
N GLU B 11 -8.42 -20.85 9.68
CA GLU B 11 -9.81 -21.02 9.25
C GLU B 11 -10.16 -20.07 8.13
N ILE B 12 -9.61 -18.87 8.19
CA ILE B 12 -9.86 -17.85 7.19
C ILE B 12 -9.18 -18.22 5.87
N LEU B 13 -7.94 -18.71 5.96
CA LEU B 13 -7.24 -19.19 4.78
C LEU B 13 -8.04 -20.35 4.16
N GLU B 14 -8.53 -21.25 5.01
CA GLU B 14 -9.31 -22.38 4.53
C GLU B 14 -10.54 -21.93 3.76
N ALA B 15 -11.27 -20.98 4.33
CA ALA B 15 -12.47 -20.44 3.70
C ALA B 15 -12.13 -19.80 2.35
N LEU B 16 -11.13 -18.92 2.35
CA LEU B 16 -10.66 -18.34 1.10
C LEU B 16 -10.35 -19.40 0.06
N HIS B 17 -9.53 -20.36 0.44
CA HIS B 17 -9.08 -21.43 -0.45
C HIS B 17 -10.25 -22.19 -1.08
N GLY B 18 -11.24 -22.52 -0.26
CA GLY B 18 -12.39 -23.28 -0.74
C GLY B 18 -13.28 -22.48 -1.67
N ARG B 19 -13.03 -21.17 -1.77
CA ARG B 19 -13.84 -20.30 -2.60
C ARG B 19 -13.11 -19.87 -3.87
N GLY B 20 -11.93 -20.44 -4.11
CA GLY B 20 -11.13 -20.06 -5.25
C GLY B 20 -10.60 -18.65 -5.14
N LEU B 21 -10.47 -18.15 -3.92
CA LEU B 21 -9.86 -16.84 -3.69
C LEU B 21 -8.42 -17.04 -3.23
N THR B 22 -7.46 -16.66 -4.07
CA THR B 22 -6.05 -16.91 -3.80
C THR B 22 -5.21 -15.66 -3.90
N THR B 23 -5.61 -14.76 -4.80
CA THR B 23 -4.76 -13.63 -5.17
C THR B 23 -5.40 -12.29 -4.88
N PRO B 24 -4.77 -11.47 -4.02
CA PRO B 24 -5.35 -10.15 -3.78
C PRO B 24 -5.17 -9.30 -5.03
N THR B 25 -6.15 -8.46 -5.33
CA THR B 25 -5.97 -7.46 -6.37
C THR B 25 -4.93 -6.47 -5.86
N PRO B 26 -4.37 -5.65 -6.76
CA PRO B 26 -3.35 -4.68 -6.32
C PRO B 26 -3.79 -3.82 -5.13
N ILE B 27 -5.03 -3.32 -5.15
CA ILE B 27 -5.49 -2.49 -4.02
C ILE B 27 -5.49 -3.29 -2.71
N GLU B 28 -5.95 -4.53 -2.77
CA GLU B 28 -5.96 -5.41 -1.60
C GLU B 28 -4.54 -5.71 -1.12
N ALA B 29 -3.64 -5.98 -2.05
CA ALA B 29 -2.26 -6.34 -1.72
C ALA B 29 -1.61 -5.25 -0.90
N ALA B 30 -1.76 -4.01 -1.34
CA ALA B 30 -1.18 -2.85 -0.65
C ALA B 30 -1.93 -2.49 0.62
N ALA B 31 -3.24 -2.73 0.64
CA ALA B 31 -4.04 -2.38 1.81
C ALA B 31 -3.91 -3.32 3.01
N LEU B 32 -3.73 -4.61 2.75
CA LEU B 32 -3.78 -5.61 3.82
C LEU B 32 -2.79 -5.40 4.98
N PRO B 33 -1.52 -5.07 4.69
CA PRO B 33 -0.59 -4.97 5.82
C PRO B 33 -1.01 -3.88 6.80
N LEU B 34 -1.51 -2.77 6.28
CA LEU B 34 -1.95 -1.67 7.14
C LEU B 34 -3.29 -1.97 7.79
N ALA B 35 -4.21 -2.49 6.99
CA ALA B 35 -5.56 -2.76 7.48
C ALA B 35 -5.58 -3.85 8.55
N LEU B 36 -4.76 -4.88 8.36
CA LEU B 36 -4.64 -5.94 9.37
C LEU B 36 -4.07 -5.43 10.68
N GLU B 37 -3.33 -4.32 10.64
CA GLU B 37 -2.82 -3.76 11.88
C GLU B 37 -3.71 -2.66 12.45
N GLY B 38 -4.91 -2.52 11.90
CA GLY B 38 -5.90 -1.62 12.46
C GLY B 38 -5.88 -0.18 11.97
N LYS B 39 -5.04 0.10 10.98
CA LYS B 39 -4.86 1.46 10.47
C LYS B 39 -5.97 1.90 9.53
N ASP B 40 -6.22 3.21 9.49
CA ASP B 40 -7.22 3.77 8.61
C ASP B 40 -6.65 3.89 7.21
N LEU B 41 -7.51 3.66 6.22
CA LEU B 41 -7.09 3.68 4.83
C LEU B 41 -8.15 4.29 3.95
N ILE B 42 -7.68 4.94 2.89
CA ILE B 42 -8.53 5.35 1.80
C ILE B 42 -8.11 4.56 0.59
N GLY B 43 -9.04 3.85 -0.02
CA GLY B 43 -8.74 3.04 -1.19
C GLY B 43 -9.41 3.66 -2.39
N GLN B 44 -8.61 4.03 -3.39
CA GLN B 44 -9.14 4.67 -4.58
CA GLN B 44 -9.14 4.67 -4.59
C GLN B 44 -8.93 3.75 -5.78
N ALA B 45 -10.03 3.31 -6.39
CA ALA B 45 -9.97 2.36 -7.50
C ALA B 45 -11.17 2.50 -8.43
N ARG B 46 -11.00 2.09 -9.68
CA ARG B 46 -12.08 2.09 -10.66
C ARG B 46 -13.27 1.28 -10.18
N THR B 47 -14.47 1.84 -10.33
CA THR B 47 -15.68 1.18 -9.89
C THR B 47 -15.77 -0.22 -10.48
N GLY B 48 -16.19 -1.18 -9.66
CA GLY B 48 -16.32 -2.55 -10.10
C GLY B 48 -15.08 -3.38 -9.83
N THR B 49 -13.93 -2.72 -9.67
CA THR B 49 -12.70 -3.42 -9.33
C THR B 49 -12.85 -4.13 -7.99
N GLY B 50 -12.27 -5.33 -7.89
CA GLY B 50 -12.41 -6.11 -6.68
C GLY B 50 -11.57 -5.52 -5.55
N LYS B 51 -12.23 -5.18 -4.44
CA LYS B 51 -11.51 -4.66 -3.28
C LYS B 51 -12.14 -5.14 -1.98
N THR B 52 -13.11 -6.04 -2.07
CA THR B 52 -13.87 -6.41 -0.89
C THR B 52 -13.01 -7.01 0.21
N LEU B 53 -12.02 -7.79 -0.18
CA LEU B 53 -11.18 -8.48 0.79
C LEU B 53 -10.24 -7.52 1.51
N ALA B 54 -10.11 -6.29 1.01
CA ALA B 54 -9.30 -5.29 1.69
C ALA B 54 -9.92 -4.88 3.01
N PHE B 55 -11.24 -5.04 3.15
CA PHE B 55 -11.88 -4.81 4.44
C PHE B 55 -12.47 -6.08 5.05
N ALA B 56 -12.94 -6.99 4.20
CA ALA B 56 -13.54 -8.23 4.70
C ALA B 56 -12.54 -9.02 5.54
N LEU B 57 -11.31 -9.15 5.05
CA LEU B 57 -10.30 -9.93 5.77
C LEU B 57 -9.88 -9.26 7.08
N PRO B 58 -9.62 -7.94 7.06
CA PRO B 58 -9.35 -7.29 8.34
C PRO B 58 -10.47 -7.46 9.38
N ILE B 59 -11.72 -7.34 8.98
CA ILE B 59 -12.84 -7.61 9.88
C ILE B 59 -12.80 -9.06 10.41
N ALA B 60 -12.65 -10.01 9.50
CA ALA B 60 -12.60 -11.43 9.87
C ALA B 60 -11.47 -11.74 10.86
N GLU B 61 -10.30 -11.21 10.58
CA GLU B 61 -9.11 -11.46 11.40
C GLU B 61 -9.23 -10.79 12.77
N ARG B 62 -9.72 -9.54 12.77
CA ARG B 62 -9.82 -8.75 13.99
C ARG B 62 -10.90 -9.23 14.97
N LEU B 63 -12.02 -9.69 14.44
CA LEU B 63 -13.15 -10.05 15.31
C LEU B 63 -13.16 -11.52 15.70
N ALA B 64 -13.12 -11.79 17.00
CA ALA B 64 -13.31 -13.13 17.52
C ALA B 64 -14.80 -13.44 17.60
N PRO B 65 -15.16 -14.73 17.63
CA PRO B 65 -16.58 -15.10 17.74
C PRO B 65 -17.21 -14.69 19.07
N SER B 66 -18.54 -14.57 19.08
CA SER B 66 -19.28 -14.29 20.30
C SER B 66 -20.69 -14.86 20.21
N GLN B 67 -21.21 -15.31 21.35
CA GLN B 67 -22.51 -15.94 21.41
C GLN B 67 -23.52 -15.10 22.18
N GLU B 68 -23.04 -14.00 22.77
CA GLU B 68 -23.87 -13.15 23.60
C GLU B 68 -25.11 -12.68 22.84
N ARG B 69 -26.24 -13.31 23.10
CA ARG B 69 -27.48 -12.90 22.44
C ARG B 69 -27.76 -11.42 22.64
N GLY B 70 -28.33 -10.79 21.61
CA GLY B 70 -28.61 -9.36 21.64
C GLY B 70 -27.38 -8.48 21.52
N ARG B 71 -26.21 -9.11 21.34
CA ARG B 71 -24.96 -8.36 21.22
C ARG B 71 -25.00 -7.37 20.05
N LYS B 72 -24.33 -6.24 20.23
CA LYS B 72 -24.26 -5.22 19.19
C LYS B 72 -23.16 -5.56 18.19
N PRO B 73 -23.24 -4.99 16.98
CA PRO B 73 -22.23 -5.27 15.95
C PRO B 73 -20.90 -4.58 16.22
N ARG B 74 -19.82 -5.24 15.85
CA ARG B 74 -18.48 -4.68 16.03
C ARG B 74 -17.89 -4.24 14.71
N ALA B 75 -18.66 -4.41 13.64
CA ALA B 75 -18.27 -3.88 12.34
C ALA B 75 -19.49 -3.37 11.61
N LEU B 76 -19.32 -2.24 10.93
CA LEU B 76 -20.38 -1.60 10.18
C LEU B 76 -19.84 -1.26 8.80
N VAL B 77 -20.50 -1.75 7.77
CA VAL B 77 -20.17 -1.39 6.40
C VAL B 77 -21.35 -0.62 5.85
N LEU B 78 -21.11 0.60 5.37
CA LEU B 78 -22.15 1.37 4.72
C LEU B 78 -21.95 1.32 3.20
N THR B 79 -23.02 0.99 2.50
CA THR B 79 -22.97 0.81 1.05
C THR B 79 -24.23 1.44 0.43
N PRO B 80 -24.18 1.84 -0.86
CA PRO B 80 -25.29 2.65 -1.38
C PRO B 80 -26.60 1.91 -1.67
N THR B 81 -26.53 0.62 -2.04
CA THR B 81 -27.72 -0.06 -2.53
C THR B 81 -27.98 -1.40 -1.83
N ARG B 82 -29.23 -1.85 -1.93
CA ARG B 82 -29.64 -3.16 -1.42
C ARG B 82 -28.80 -4.24 -2.09
N GLU B 83 -28.56 -4.06 -3.38
CA GLU B 83 -27.84 -5.07 -4.15
C GLU B 83 -26.42 -5.23 -3.64
N LEU B 84 -25.79 -4.10 -3.32
CA LEU B 84 -24.43 -4.16 -2.82
C LEU B 84 -24.40 -4.67 -1.39
N ALA B 85 -25.40 -4.31 -0.60
CA ALA B 85 -25.47 -4.78 0.78
C ALA B 85 -25.57 -6.31 0.82
N LEU B 86 -26.41 -6.86 -0.05
CA LEU B 86 -26.57 -8.30 -0.13
C LEU B 86 -25.28 -8.96 -0.65
N GLN B 87 -24.64 -8.33 -1.63
CA GLN B 87 -23.42 -8.87 -2.23
C GLN B 87 -22.25 -8.84 -1.25
N VAL B 88 -22.05 -7.69 -0.60
CA VAL B 88 -21.00 -7.55 0.40
C VAL B 88 -21.24 -8.43 1.63
N ALA B 89 -22.47 -8.44 2.14
CA ALA B 89 -22.80 -9.28 3.28
C ALA B 89 -22.46 -10.73 2.97
N SER B 90 -22.77 -11.14 1.74
CA SER B 90 -22.53 -12.51 1.29
C SER B 90 -21.04 -12.86 1.37
N GLU B 91 -20.21 -12.03 0.75
CA GLU B 91 -18.78 -12.28 0.68
C GLU B 91 -18.12 -12.26 2.05
N LEU B 92 -18.57 -11.34 2.89
CA LEU B 92 -18.09 -11.25 4.26
C LEU B 92 -18.44 -12.50 5.07
N THR B 93 -19.68 -12.97 4.91
CA THR B 93 -20.12 -14.19 5.57
C THR B 93 -19.20 -15.35 5.20
N ALA B 94 -18.85 -15.44 3.92
CA ALA B 94 -17.97 -16.48 3.43
C ALA B 94 -16.56 -16.42 4.03
N VAL B 95 -15.94 -15.24 4.03
CA VAL B 95 -14.57 -15.12 4.53
C VAL B 95 -14.49 -15.09 6.06
N ALA B 96 -15.63 -14.82 6.71
CA ALA B 96 -15.67 -14.80 8.16
C ALA B 96 -16.74 -15.77 8.65
N PRO B 97 -16.46 -17.08 8.52
CA PRO B 97 -17.43 -18.11 8.89
C PRO B 97 -17.79 -18.06 10.37
N HIS B 98 -16.93 -17.44 11.17
CA HIS B 98 -17.16 -17.37 12.61
C HIS B 98 -18.06 -16.20 13.03
N LEU B 99 -18.43 -15.35 12.08
CA LEU B 99 -19.15 -14.13 12.40
C LEU B 99 -20.57 -14.11 11.85
N LYS B 100 -21.45 -13.48 12.60
CA LYS B 100 -22.84 -13.30 12.22
C LYS B 100 -22.98 -11.97 11.47
N VAL B 101 -23.26 -12.04 10.18
CA VAL B 101 -23.40 -10.85 9.34
C VAL B 101 -24.85 -10.60 8.99
N VAL B 102 -25.34 -9.38 9.22
CA VAL B 102 -26.70 -9.03 8.91
C VAL B 102 -26.75 -7.88 7.91
N ALA B 103 -27.43 -8.11 6.78
CA ALA B 103 -27.66 -7.06 5.81
C ALA B 103 -28.92 -6.26 6.15
N VAL B 104 -28.83 -4.94 5.94
CA VAL B 104 -29.86 -4.00 6.33
C VAL B 104 -30.10 -3.03 5.17
N TYR B 105 -31.37 -2.79 4.83
CA TYR B 105 -31.68 -1.95 3.69
C TYR B 105 -33.16 -1.64 3.61
N GLY B 106 -33.49 -0.57 2.88
CA GLY B 106 -34.86 -0.15 2.67
C GLY B 106 -35.49 -0.84 1.49
N GLY B 107 -36.77 -0.55 1.26
CA GLY B 107 -37.55 -1.23 0.24
C GLY B 107 -38.21 -2.50 0.76
N THR B 108 -38.32 -2.61 2.08
CA THR B 108 -39.05 -3.70 2.70
C THR B 108 -39.43 -3.31 4.13
N GLY B 109 -40.20 -4.17 4.81
CA GLY B 109 -40.62 -3.92 6.17
C GLY B 109 -39.47 -3.90 7.17
N TYR B 110 -39.77 -3.57 8.42
CA TYR B 110 -38.76 -3.47 9.47
C TYR B 110 -38.53 -4.80 10.20
N GLY B 111 -39.62 -5.52 10.48
CA GLY B 111 -39.58 -6.73 11.28
C GLY B 111 -38.33 -7.61 11.18
N LYS B 112 -38.18 -8.29 10.05
CA LYS B 112 -37.12 -9.27 9.83
C LYS B 112 -35.73 -8.75 10.18
N GLN B 113 -35.32 -7.66 9.51
CA GLN B 113 -34.03 -7.06 9.82
C GLN B 113 -33.97 -6.71 11.30
N LYS B 114 -35.08 -6.20 11.83
CA LYS B 114 -35.12 -5.74 13.22
C LYS B 114 -34.92 -6.91 14.18
N GLU B 115 -35.45 -8.07 13.82
CA GLU B 115 -35.36 -9.24 14.68
C GLU B 115 -33.98 -9.91 14.59
N ALA B 116 -33.29 -9.71 13.48
CA ALA B 116 -31.91 -10.18 13.36
C ALA B 116 -31.02 -9.38 14.28
N LEU B 117 -31.18 -8.06 14.24
CA LEU B 117 -30.40 -7.17 15.10
C LEU B 117 -30.69 -7.47 16.57
N LEU B 118 -31.96 -7.73 16.89
CA LEU B 118 -32.31 -8.07 18.26
C LEU B 118 -31.70 -9.39 18.72
N ARG B 119 -31.64 -10.37 17.83
CA ARG B 119 -31.01 -11.66 18.13
C ARG B 119 -29.52 -11.48 18.39
N GLY B 120 -28.91 -10.57 17.64
CA GLY B 120 -27.49 -10.33 17.75
C GLY B 120 -26.82 -10.19 16.39
N ALA B 121 -25.74 -9.43 16.36
CA ALA B 121 -24.99 -9.25 15.12
C ALA B 121 -23.54 -8.98 15.44
N ASP B 122 -22.66 -9.52 14.61
CA ASP B 122 -21.25 -9.20 14.70
C ASP B 122 -20.84 -8.15 13.69
N ALA B 123 -21.45 -8.20 12.51
CA ALA B 123 -21.24 -7.18 11.48
C ALA B 123 -22.56 -6.83 10.82
N VAL B 124 -22.78 -5.55 10.56
CA VAL B 124 -23.94 -5.09 9.82
C VAL B 124 -23.50 -4.43 8.52
N VAL B 125 -24.06 -4.87 7.41
CA VAL B 125 -23.80 -4.25 6.10
C VAL B 125 -25.10 -3.56 5.69
N ALA B 126 -25.06 -2.23 5.60
CA ALA B 126 -26.30 -1.45 5.52
C ALA B 126 -26.29 -0.32 4.50
N THR B 127 -27.47 0.02 4.00
CA THR B 127 -27.65 1.28 3.28
C THR B 127 -27.90 2.33 4.33
N PRO B 128 -27.48 3.57 4.07
CA PRO B 128 -27.45 4.58 5.14
C PRO B 128 -28.83 5.03 5.63
N GLY B 129 -29.81 5.14 4.74
CA GLY B 129 -31.14 5.57 5.11
C GLY B 129 -31.77 4.63 6.12
N ARG B 130 -31.77 3.35 5.79
CA ARG B 130 -32.35 2.34 6.68
C ARG B 130 -31.57 2.21 8.00
N ALA B 131 -30.23 2.25 7.93
CA ALA B 131 -29.41 2.19 9.13
C ALA B 131 -29.72 3.32 10.11
N LEU B 132 -29.82 4.55 9.60
CA LEU B 132 -30.16 5.69 10.43
C LEU B 132 -31.56 5.54 11.04
N ASP B 133 -32.50 5.00 10.26
CA ASP B 133 -33.84 4.68 10.75
C ASP B 133 -33.72 3.84 12.02
N TYR B 134 -33.01 2.73 11.93
CA TYR B 134 -32.85 1.85 13.10
C TYR B 134 -32.08 2.47 14.26
N LEU B 135 -31.15 3.38 13.97
CA LEU B 135 -30.41 4.05 15.04
C LEU B 135 -31.33 4.92 15.92
N ARG B 136 -32.08 5.83 15.30
CA ARG B 136 -32.92 6.74 16.08
C ARG B 136 -34.06 5.99 16.76
N GLN B 137 -34.38 4.81 16.25
CA GLN B 137 -35.35 3.94 16.89
C GLN B 137 -34.80 3.37 18.19
N GLY B 138 -33.50 3.06 18.19
CA GLY B 138 -32.86 2.42 19.33
C GLY B 138 -32.60 0.94 19.06
N VAL B 139 -32.94 0.51 17.85
CA VAL B 139 -32.77 -0.88 17.45
C VAL B 139 -31.33 -1.22 17.04
N LEU B 140 -30.73 -0.36 16.22
CA LEU B 140 -29.34 -0.52 15.85
C LEU B 140 -28.47 0.24 16.83
N ASP B 141 -27.57 -0.48 17.50
CA ASP B 141 -26.65 0.13 18.44
C ASP B 141 -25.26 0.13 17.81
N LEU B 142 -24.63 1.28 17.76
CA LEU B 142 -23.31 1.39 17.13
C LEU B 142 -22.19 1.71 18.11
N SER B 143 -22.46 1.57 19.41
CA SER B 143 -21.51 1.98 20.44
C SER B 143 -20.36 0.99 20.65
N ARG B 144 -20.36 -0.13 19.92
CA ARG B 144 -19.30 -1.11 20.04
C ARG B 144 -18.59 -1.40 18.72
N VAL B 145 -18.94 -0.63 17.68
CA VAL B 145 -18.27 -0.73 16.39
C VAL B 145 -16.77 -0.50 16.52
N GLU B 146 -15.98 -1.47 16.05
CA GLU B 146 -14.52 -1.38 16.06
C GLU B 146 -13.98 -1.04 14.68
N VAL B 147 -14.76 -1.36 13.65
CA VAL B 147 -14.35 -1.13 12.26
C VAL B 147 -15.54 -0.60 11.48
N ALA B 148 -15.36 0.54 10.82
CA ALA B 148 -16.40 1.09 9.97
C ALA B 148 -15.85 1.22 8.55
N VAL B 149 -16.67 0.82 7.57
CA VAL B 149 -16.25 0.81 6.18
C VAL B 149 -17.24 1.61 5.36
N LEU B 150 -16.73 2.51 4.53
CA LEU B 150 -17.57 3.24 3.60
C LEU B 150 -17.30 2.73 2.19
N ASP B 151 -18.23 1.94 1.67
CA ASP B 151 -18.13 1.31 0.36
C ASP B 151 -18.77 2.23 -0.71
N GLU B 152 -18.12 2.35 -1.87
CA GLU B 152 -18.66 3.16 -2.96
C GLU B 152 -19.14 4.52 -2.46
N ALA B 153 -18.30 5.21 -1.71
CA ALA B 153 -18.66 6.49 -1.13
C ALA B 153 -19.12 7.53 -2.16
N ASP B 154 -18.55 7.52 -3.37
CA ASP B 154 -18.96 8.47 -4.39
C ASP B 154 -20.42 8.31 -4.75
N GLU B 155 -20.85 7.06 -4.83
CA GLU B 155 -22.25 6.74 -5.12
CA GLU B 155 -22.26 6.77 -5.13
C GLU B 155 -23.15 7.10 -3.93
N MET B 156 -22.66 6.83 -2.72
CA MET B 156 -23.42 7.25 -1.54
C MET B 156 -23.61 8.77 -1.57
N LEU B 157 -22.59 9.48 -2.03
CA LEU B 157 -22.68 10.93 -2.17
C LEU B 157 -23.67 11.37 -3.25
N SER B 158 -23.59 10.74 -4.42
CA SER B 158 -24.47 11.12 -5.52
C SER B 158 -25.93 10.82 -5.19
N MET B 159 -26.15 9.78 -4.39
CA MET B 159 -27.50 9.39 -3.97
C MET B 159 -28.09 10.33 -2.90
N GLY B 160 -27.25 11.16 -2.28
CA GLY B 160 -27.71 12.13 -1.29
C GLY B 160 -27.69 11.62 0.15
N PHE B 161 -26.83 10.67 0.43
CA PHE B 161 -26.71 10.09 1.77
C PHE B 161 -25.65 10.75 2.66
N GLU B 162 -25.09 11.89 2.24
CA GLU B 162 -24.02 12.53 3.03
C GLU B 162 -24.34 12.62 4.52
N GLU B 163 -25.47 13.23 4.83
CA GLU B 163 -25.82 13.53 6.23
C GLU B 163 -26.07 12.26 7.02
N GLU B 164 -26.59 11.24 6.35
CA GLU B 164 -26.88 9.98 7.02
C GLU B 164 -25.58 9.24 7.32
N VAL B 165 -24.67 9.23 6.36
CA VAL B 165 -23.38 8.58 6.55
C VAL B 165 -22.63 9.22 7.73
N GLU B 166 -22.65 10.55 7.80
CA GLU B 166 -21.95 11.25 8.87
C GLU B 166 -22.58 10.99 10.24
N ALA B 167 -23.91 11.00 10.29
CA ALA B 167 -24.61 10.75 11.55
C ALA B 167 -24.26 9.35 12.08
N LEU B 168 -24.26 8.37 11.18
CA LEU B 168 -23.96 7.00 11.57
C LEU B 168 -22.51 6.87 12.06
N LEU B 169 -21.57 7.49 11.36
CA LEU B 169 -20.18 7.45 11.80
C LEU B 169 -20.02 8.12 13.16
N SER B 170 -20.70 9.25 13.35
CA SER B 170 -20.63 10.01 14.57
C SER B 170 -21.18 9.21 15.75
N ALA B 171 -22.01 8.22 15.44
CA ALA B 171 -22.61 7.40 16.48
C ALA B 171 -21.65 6.30 16.94
N THR B 172 -20.60 6.04 16.16
CA THR B 172 -19.62 5.01 16.50
C THR B 172 -18.49 5.59 17.34
N PRO B 173 -17.78 4.73 18.07
CA PRO B 173 -16.63 5.23 18.83
C PRO B 173 -15.55 5.79 17.90
N PRO B 174 -15.00 6.96 18.24
CA PRO B 174 -13.95 7.56 17.42
C PRO B 174 -12.66 6.73 17.43
N SER B 175 -12.54 5.81 18.38
CA SER B 175 -11.37 4.95 18.49
C SER B 175 -11.38 3.81 17.46
N ARG B 176 -12.49 3.69 16.74
CA ARG B 176 -12.64 2.67 15.71
C ARG B 176 -11.59 2.80 14.63
N GLN B 177 -11.49 1.77 13.80
CA GLN B 177 -10.71 1.80 12.57
C GLN B 177 -11.69 2.17 11.46
N THR B 178 -11.25 2.98 10.51
CA THR B 178 -12.16 3.40 9.45
C THR B 178 -11.51 3.19 8.08
N LEU B 179 -12.24 2.58 7.15
CA LEU B 179 -11.74 2.36 5.80
C LEU B 179 -12.72 2.99 4.82
N LEU B 180 -12.18 3.84 3.95
CA LEU B 180 -13.01 4.60 3.04
C LEU B 180 -12.67 4.28 1.59
N PHE B 181 -13.68 3.90 0.81
CA PHE B 181 -13.44 3.61 -0.61
C PHE B 181 -14.14 4.63 -1.50
N SER B 182 -13.34 5.43 -2.21
CA SER B 182 -13.86 6.45 -3.12
C SER B 182 -13.08 6.41 -4.42
N ALA B 183 -13.79 6.35 -5.54
CA ALA B 183 -13.17 6.30 -6.84
C ALA B 183 -12.49 7.62 -7.21
N THR B 184 -13.09 8.75 -6.82
CA THR B 184 -12.61 10.04 -7.33
C THR B 184 -12.17 11.05 -6.26
N LEU B 185 -12.38 10.69 -5.00
CA LEU B 185 -11.99 11.54 -3.87
C LEU B 185 -12.49 12.99 -3.98
N PRO B 186 -13.82 13.16 -4.07
CA PRO B 186 -14.46 14.48 -4.16
C PRO B 186 -14.35 15.21 -2.82
N SER B 187 -14.80 16.46 -2.77
CA SER B 187 -14.68 17.26 -1.55
C SER B 187 -15.25 16.56 -0.30
N TRP B 188 -16.38 15.87 -0.44
CA TRP B 188 -16.99 15.21 0.71
C TRP B 188 -16.13 14.10 1.27
N ALA B 189 -15.52 13.30 0.39
CA ALA B 189 -14.60 12.25 0.84
C ALA B 189 -13.43 12.84 1.61
N LYS B 190 -12.90 13.97 1.13
CA LYS B 190 -11.80 14.62 1.81
C LYS B 190 -12.21 15.13 3.19
N ARG B 191 -13.43 15.66 3.30
CA ARG B 191 -13.97 16.08 4.59
C ARG B 191 -14.14 14.90 5.55
N LEU B 192 -14.60 13.77 5.03
CA LEU B 192 -14.67 12.54 5.82
C LEU B 192 -13.31 12.15 6.35
N ALA B 193 -12.33 12.15 5.47
CA ALA B 193 -10.98 11.75 5.85
C ALA B 193 -10.50 12.63 7.01
N GLU B 194 -10.79 13.92 6.89
CA GLU B 194 -10.33 14.90 7.88
C GLU B 194 -11.05 14.75 9.22
N ARG B 195 -12.37 14.58 9.16
CA ARG B 195 -13.20 14.59 10.37
C ARG B 195 -13.37 13.22 11.03
N TYR B 196 -13.33 12.15 10.24
CA TYR B 196 -13.70 10.84 10.76
C TYR B 196 -12.61 9.78 10.65
N MET B 197 -11.42 10.18 10.21
CA MET B 197 -10.33 9.23 10.04
C MET B 197 -9.06 9.70 10.72
N LYS B 198 -8.18 8.75 11.03
CA LYS B 198 -6.95 9.05 11.73
C LYS B 198 -5.76 8.77 10.82
N ASN B 199 -5.11 9.84 10.36
CA ASN B 199 -3.94 9.73 9.48
C ASN B 199 -4.07 8.64 8.42
N PRO B 200 -5.18 8.67 7.67
CA PRO B 200 -5.45 7.60 6.70
C PRO B 200 -4.37 7.51 5.62
N VAL B 201 -3.96 6.30 5.29
CA VAL B 201 -3.08 6.06 4.18
C VAL B 201 -3.92 5.97 2.92
N LEU B 202 -3.49 6.68 1.88
CA LEU B 202 -4.21 6.65 0.61
C LEU B 202 -3.54 5.66 -0.32
N ILE B 203 -4.34 4.75 -0.86
CA ILE B 203 -3.85 3.81 -1.86
C ILE B 203 -4.65 4.03 -3.12
N ASN B 204 -4.00 4.44 -4.20
CA ASN B 204 -4.69 4.76 -5.44
C ASN B 204 -4.20 3.88 -6.59
N VAL B 205 -5.11 3.04 -7.09
CA VAL B 205 -4.79 2.04 -8.09
C VAL B 205 -5.49 2.32 -9.41
N ILE B 206 -5.87 3.58 -9.62
CA ILE B 206 -6.56 3.96 -10.84
C ILE B 206 -5.60 3.81 -12.01
N LYS B 207 -4.31 3.95 -11.71
CA LYS B 207 -3.24 3.90 -12.71
C LYS B 207 -2.99 5.28 -13.29
S SO4 C . 26.54 15.27 -9.07
O1 SO4 C . 26.34 16.51 -9.82
O2 SO4 C . 27.94 14.91 -9.07
O3 SO4 C . 26.10 15.45 -7.68
O4 SO4 C . 25.78 14.23 -9.78
S SO4 D . 34.94 -6.98 -6.68
O1 SO4 D . 34.09 -6.87 -7.86
O2 SO4 D . 36.19 -7.66 -7.03
O3 SO4 D . 35.24 -5.65 -6.15
O4 SO4 D . 34.24 -7.76 -5.65
S SO4 E . -32.27 3.38 2.04
O1 SO4 E . -32.84 4.72 2.07
O2 SO4 E . -31.95 2.96 0.69
O3 SO4 E . -31.09 3.34 2.92
O4 SO4 E . -33.23 2.40 2.54
O50 8OX F . -14.47 -7.52 -8.94
C50 8OX F . -15.81 -7.49 -8.43
C40 8OX F . -16.02 -8.57 -7.37
O40 8OX F . -14.99 -9.57 -7.37
C30 8OX F . -16.11 -8.06 -5.94
O30 8OX F . -17.35 -7.41 -5.70
C20 8OX F . -15.98 -9.42 -5.24
O20 8OX F . -17.20 -10.14 -5.29
C10 8OX F . -14.89 -10.12 -6.06
N9 8OX F . -13.51 -9.99 -5.48
C8 8OX F . -12.99 -9.00 -4.58
O8 8OX F . -13.58 -8.04 -4.06
N7 8OX F . -11.62 -9.28 -4.33
C5 8OX F . -11.29 -10.44 -5.09
C6 8OX F . -10.09 -11.16 -5.23
N6 8OX F . -8.91 -10.80 -4.57
N1 8OX F . -10.09 -12.23 -6.03
C2 8OX F . -11.22 -12.58 -6.67
N3 8OX F . -12.37 -11.94 -6.57
C4 8OX F . -12.41 -10.86 -5.77
#